data_5J71
#
_entry.id   5J71
#
_cell.length_a   110.746
_cell.length_b   110.746
_cell.length_c   228.584
_cell.angle_alpha   90.00
_cell.angle_beta   90.00
_cell.angle_gamma   90.00
#
_symmetry.space_group_name_H-M   'I 41 2 2'
#
loop_
_entity.id
_entity.type
_entity.pdbx_description
1 polymer '[Pyruvate dehydrogenase (acetyl-transferring)] kinase isozyme 2, mitochondrial'
2 non-polymer 'L(+)-TARTARIC ACID'
3 non-polymer 4-({5-[(piperidin-4-yl)amino]-1,3-dihydro-2H-isoindol-2-yl}sulfonyl)benzene-1,3-diol
4 water water
#
_entity_poly.entity_id   1
_entity_poly.type   'polypeptide(L)'
_entity_poly.pdbx_seq_one_letter_code
;SKNASLAGAPKYIEHFSKFSPSPLSMKQFLDFGSSNACEKTSFTFLRQELPVRLANIMKEINLLPDRVLSTPSVQLVQSW
YVQSLLDIMEFLDKDPEDHRTLSQFTDALVTIRNRHNDVVPTMAQGVLEYKDTYGDDPVSNQNIQYFLDRFYLSRISIRM
LINQHTLIFDGSTNPAHPKHIGSIDPNCNVSEVVKDAYDMAKLLCDKYYMASPDLEIQEINAANSKQPIHMVYVPSHLYH
MLFELFKNAMRATVESHESSLILPPIKVMVALGEEDLSIKMSDRGGGVPLRKIERLFSYMYSTAPTPQPGTGGTPLAGFG
YGLPISRLYAKYFQGDLQLFSMEGFGTDAVIYLKALSTDSVERLPVYNKSAWRHYQTIQEAGDWCVPSTEPKNTSTYRVS
;
_entity_poly.pdbx_strand_id   A
#
loop_
_chem_comp.id
_chem_comp.type
_chem_comp.name
_chem_comp.formula
P35 non-polymer 4-({5-[(piperidin-4-yl)amino]-1,3-dihydro-2H-isoindol-2-yl}sulfonyl)benzene-1,3-diol 'C19 H23 N3 O4 S'
TLA non-polymer 'L(+)-TARTARIC ACID' 'C4 H6 O6'
#
# COMPACT_ATOMS: atom_id res chain seq x y z
N SER A 5 -28.26 -10.97 -17.85
CA SER A 5 -28.18 -12.40 -17.54
C SER A 5 -27.52 -12.67 -16.18
N LEU A 6 -26.91 -11.65 -15.59
CA LEU A 6 -26.40 -11.78 -14.24
C LEU A 6 -27.46 -11.33 -13.25
N ALA A 7 -27.33 -11.81 -12.01
CA ALA A 7 -28.18 -11.29 -10.95
C ALA A 7 -27.80 -9.85 -10.64
N GLY A 8 -28.66 -9.18 -9.89
CA GLY A 8 -28.33 -7.84 -9.42
C GLY A 8 -27.12 -7.88 -8.51
N ALA A 9 -26.30 -6.82 -8.59
CA ALA A 9 -25.07 -6.84 -7.83
C ALA A 9 -25.27 -7.06 -6.34
N PRO A 10 -26.29 -6.49 -5.68
CA PRO A 10 -26.43 -6.71 -4.24
C PRO A 10 -26.52 -8.17 -3.86
N LYS A 11 -27.11 -9.00 -4.72
CA LYS A 11 -27.20 -10.42 -4.37
C LYS A 11 -25.82 -11.06 -4.34
N TYR A 12 -24.94 -10.67 -5.28
CA TYR A 12 -23.56 -11.16 -5.25
C TYR A 12 -22.79 -10.58 -4.07
N ILE A 13 -22.97 -9.30 -3.78
CA ILE A 13 -22.24 -8.69 -2.67
C ILE A 13 -22.58 -9.39 -1.35
N GLU A 14 -23.88 -9.63 -1.12
CA GLU A 14 -24.27 -10.30 0.11
C GLU A 14 -23.69 -11.70 0.16
N HIS A 15 -23.71 -12.42 -0.97
CA HIS A 15 -23.19 -13.77 -1.00
C HIS A 15 -21.70 -13.80 -0.64
N PHE A 16 -20.89 -13.00 -1.34
CA PHE A 16 -19.46 -13.13 -1.21
C PHE A 16 -18.93 -12.43 0.02
N SER A 17 -19.70 -11.50 0.60
CA SER A 17 -19.20 -10.84 1.78
C SER A 17 -19.30 -11.71 3.02
N LYS A 18 -20.00 -12.84 2.94
CA LYS A 18 -20.04 -13.77 4.08
C LYS A 18 -18.72 -14.48 4.28
N PHE A 19 -17.93 -14.62 3.23
CA PHE A 19 -16.65 -15.29 3.30
C PHE A 19 -15.59 -14.32 3.80
N SER A 20 -14.57 -14.87 4.46
CA SER A 20 -13.41 -14.07 4.80
CA SER A 20 -13.41 -14.07 4.82
C SER A 20 -12.39 -14.11 3.68
N PRO A 21 -11.71 -13.01 3.35
CA PRO A 21 -10.56 -13.12 2.47
C PRO A 21 -9.57 -14.16 2.99
N SER A 22 -8.83 -14.76 2.06
CA SER A 22 -7.84 -15.77 2.39
C SER A 22 -6.45 -15.20 2.20
N PRO A 23 -5.73 -14.89 3.27
CA PRO A 23 -4.38 -14.30 3.12
C PRO A 23 -3.36 -15.34 2.67
N LEU A 24 -2.54 -14.94 1.71
CA LEU A 24 -1.46 -15.77 1.18
C LEU A 24 -0.12 -15.28 1.70
N SER A 25 0.82 -16.21 1.86
CA SER A 25 2.17 -15.79 2.21
C SER A 25 3.00 -15.53 0.97
N MET A 26 4.07 -14.74 1.16
CA MET A 26 5.00 -14.49 0.08
C MET A 26 5.55 -15.80 -0.45
N LYS A 27 5.78 -16.75 0.45
CA LYS A 27 6.22 -18.08 0.03
C LYS A 27 5.19 -18.74 -0.87
N GLN A 28 3.91 -18.64 -0.51
CA GLN A 28 2.86 -19.23 -1.35
C GLN A 28 2.80 -18.57 -2.71
N PHE A 29 2.83 -17.23 -2.76
CA PHE A 29 2.89 -16.55 -4.05
C PHE A 29 4.06 -17.06 -4.86
N LEU A 30 5.22 -17.13 -4.21
CA LEU A 30 6.47 -17.43 -4.90
C LEU A 30 6.41 -18.85 -5.46
N ASP A 31 5.83 -19.77 -4.70
CA ASP A 31 5.78 -21.16 -5.07
C ASP A 31 4.64 -21.39 -6.08
N CYS A 38 -1.60 -25.02 -13.62
CA CYS A 38 -1.49 -23.94 -12.64
C CYS A 38 -2.38 -22.76 -13.00
N GLU A 39 -2.47 -22.43 -14.30
CA GLU A 39 -3.35 -21.34 -14.71
C GLU A 39 -4.79 -21.65 -14.40
N LYS A 40 -5.21 -22.90 -14.59
CA LYS A 40 -6.58 -23.28 -14.25
C LYS A 40 -6.81 -23.17 -12.74
N THR A 41 -5.78 -23.52 -11.96
CA THR A 41 -5.90 -23.42 -10.51
C THR A 41 -5.99 -21.95 -10.09
N SER A 42 -5.18 -21.09 -10.72
CA SER A 42 -5.26 -19.66 -10.45
C SER A 42 -6.63 -19.12 -10.80
N PHE A 43 -7.17 -19.52 -11.95
CA PHE A 43 -8.51 -19.08 -12.35
C PHE A 43 -9.56 -19.50 -11.34
N THR A 44 -9.57 -20.77 -10.94
CA THR A 44 -10.64 -21.22 -10.06
C THR A 44 -10.50 -20.62 -8.67
N PHE A 45 -9.26 -20.35 -8.24
CA PHE A 45 -9.03 -19.62 -6.99
C PHE A 45 -9.55 -18.21 -7.08
N LEU A 46 -9.12 -17.47 -8.12
CA LEU A 46 -9.42 -16.05 -8.20
C LEU A 46 -10.89 -15.76 -8.52
N ARG A 47 -11.58 -16.66 -9.22
CA ARG A 47 -13.00 -16.37 -9.44
C ARG A 47 -13.83 -16.56 -8.19
N GLN A 48 -13.25 -17.08 -7.11
CA GLN A 48 -13.83 -17.00 -5.78
C GLN A 48 -13.20 -15.88 -4.95
N GLU A 49 -11.86 -15.79 -4.96
CA GLU A 49 -11.17 -14.91 -4.02
C GLU A 49 -11.32 -13.45 -4.40
N LEU A 50 -11.28 -13.12 -5.70
CA LEU A 50 -11.43 -11.70 -6.02
C LEU A 50 -12.86 -11.24 -5.68
N PRO A 51 -13.91 -11.99 -6.01
CA PRO A 51 -15.24 -11.59 -5.51
C PRO A 51 -15.32 -11.47 -4.00
N VAL A 52 -14.69 -12.37 -3.23
CA VAL A 52 -14.71 -12.24 -1.78
C VAL A 52 -14.09 -10.90 -1.35
N ARG A 53 -12.91 -10.60 -1.90
CA ARG A 53 -12.23 -9.36 -1.50
C ARG A 53 -12.99 -8.11 -1.94
N LEU A 54 -13.52 -8.10 -3.16
CA LEU A 54 -14.35 -6.99 -3.62
C LEU A 54 -15.58 -6.82 -2.76
N ALA A 55 -16.29 -7.92 -2.48
CA ALA A 55 -17.50 -7.77 -1.69
C ALA A 55 -17.23 -7.34 -0.26
N ASN A 56 -16.16 -7.82 0.37
CA ASN A 56 -15.93 -7.49 1.77
C ASN A 56 -15.73 -5.99 1.89
N ILE A 57 -14.98 -5.37 0.99
CA ILE A 57 -14.73 -3.95 1.17
C ILE A 57 -15.91 -3.13 0.70
N MET A 58 -16.64 -3.65 -0.32
CA MET A 58 -17.84 -2.92 -0.73
C MET A 58 -18.85 -2.80 0.43
N LYS A 59 -18.95 -3.83 1.28
CA LYS A 59 -19.83 -3.78 2.45
C LYS A 59 -19.36 -2.72 3.44
N GLU A 60 -18.05 -2.51 3.53
CA GLU A 60 -17.53 -1.49 4.43
C GLU A 60 -17.74 -0.08 3.90
N ILE A 61 -17.67 0.10 2.59
CA ILE A 61 -17.96 1.40 2.01
C ILE A 61 -19.33 1.83 2.54
N ASN A 62 -20.26 0.87 2.64
CA ASN A 62 -21.64 1.22 2.99
C ASN A 62 -21.78 1.67 4.42
N LEU A 63 -20.75 1.49 5.24
CA LEU A 63 -20.78 1.92 6.62
C LEU A 63 -20.27 3.34 6.79
N LEU A 64 -19.68 3.91 5.73
CA LEU A 64 -19.22 5.28 5.77
C LEU A 64 -20.37 6.20 6.12
N PRO A 65 -20.09 7.37 6.70
CA PRO A 65 -21.13 8.35 6.96
C PRO A 65 -21.87 8.69 5.68
N ASP A 66 -23.17 8.96 5.81
CA ASP A 66 -23.96 9.37 4.66
C ASP A 66 -23.28 10.51 3.92
N ARG A 67 -22.69 11.45 4.67
CA ARG A 67 -22.08 12.63 4.06
C ARG A 67 -21.00 12.22 3.06
N VAL A 68 -20.18 11.23 3.43
CA VAL A 68 -19.07 10.80 2.58
C VAL A 68 -19.61 9.97 1.43
N LEU A 69 -20.52 9.05 1.73
CA LEU A 69 -21.11 8.20 0.70
C LEU A 69 -21.87 8.99 -0.34
N SER A 70 -22.38 10.17 0.03
CA SER A 70 -23.18 10.98 -0.88
C SER A 70 -22.31 11.69 -1.91
N THR A 71 -20.98 11.70 -1.73
CA THR A 71 -20.15 12.49 -2.65
C THR A 71 -20.03 11.79 -4.00
N PRO A 72 -19.93 12.55 -5.09
CA PRO A 72 -19.93 11.92 -6.41
C PRO A 72 -18.72 11.03 -6.63
N SER A 73 -17.56 11.37 -6.06
CA SER A 73 -16.36 10.59 -6.33
C SER A 73 -16.37 9.26 -5.58
N VAL A 74 -16.92 9.23 -4.36
CA VAL A 74 -17.09 7.95 -3.68
C VAL A 74 -18.11 7.09 -4.44
N GLN A 75 -19.21 7.70 -4.88
CA GLN A 75 -20.19 6.95 -5.67
C GLN A 75 -19.56 6.40 -6.94
N LEU A 76 -18.67 7.16 -7.57
CA LEU A 76 -18.00 6.68 -8.78
C LEU A 76 -17.15 5.46 -8.49
N VAL A 77 -16.34 5.52 -7.43
CA VAL A 77 -15.50 4.39 -7.08
C VAL A 77 -16.36 3.17 -6.78
N GLN A 78 -17.43 3.36 -6.00
CA GLN A 78 -18.36 2.27 -5.74
C GLN A 78 -18.84 1.64 -7.03
N SER A 79 -19.16 2.47 -8.02
CA SER A 79 -19.68 1.95 -9.27
C SER A 79 -18.64 1.12 -10.01
N TRP A 80 -17.37 1.51 -9.92
CA TRP A 80 -16.31 0.68 -10.50
C TRP A 80 -16.26 -0.68 -9.85
N TYR A 81 -16.34 -0.72 -8.52
CA TYR A 81 -16.25 -1.99 -7.79
C TYR A 81 -17.41 -2.90 -8.17
N VAL A 82 -18.60 -2.33 -8.32
CA VAL A 82 -19.77 -3.10 -8.73
C VAL A 82 -19.51 -3.73 -10.09
N GLN A 83 -19.05 -2.94 -11.06
CA GLN A 83 -18.87 -3.49 -12.40
C GLN A 83 -17.77 -4.54 -12.42
N SER A 84 -16.71 -4.34 -11.63
CA SER A 84 -15.64 -5.31 -11.59
C SER A 84 -16.12 -6.62 -11.00
N LEU A 85 -16.97 -6.54 -9.96
CA LEU A 85 -17.55 -7.75 -9.39
C LEU A 85 -18.38 -8.48 -10.44
N LEU A 86 -19.25 -7.75 -11.13
CA LEU A 86 -20.08 -8.37 -12.15
C LEU A 86 -19.24 -8.96 -13.28
N ASP A 87 -18.18 -8.26 -13.68
CA ASP A 87 -17.27 -8.79 -14.69
C ASP A 87 -16.80 -10.20 -14.33
N ILE A 88 -16.47 -10.42 -13.06
CA ILE A 88 -16.01 -11.73 -12.64
C ILE A 88 -17.17 -12.73 -12.55
N MET A 89 -18.38 -12.28 -12.21
CA MET A 89 -19.52 -13.19 -12.12
C MET A 89 -19.79 -13.84 -13.45
N GLU A 90 -19.42 -13.18 -14.54
CA GLU A 90 -19.59 -13.77 -15.87
C GLU A 90 -18.83 -15.08 -16.00
N PHE A 91 -17.84 -15.32 -15.15
CA PHE A 91 -17.01 -16.52 -15.24
C PHE A 91 -17.45 -17.65 -14.31
N LEU A 92 -18.53 -17.49 -13.54
CA LEU A 92 -18.89 -18.49 -12.54
C LEU A 92 -19.21 -19.84 -13.18
N ASP A 93 -19.82 -19.86 -14.37
CA ASP A 93 -20.22 -21.12 -14.96
C ASP A 93 -19.32 -21.50 -16.14
N LYS A 94 -18.15 -20.89 -16.25
CA LYS A 94 -17.28 -21.17 -17.38
C LYS A 94 -16.29 -22.28 -17.06
N ASP A 95 -15.90 -23.01 -18.10
CA ASP A 95 -15.14 -24.24 -17.96
C ASP A 95 -13.65 -23.92 -17.93
N PRO A 96 -12.95 -24.22 -16.83
CA PRO A 96 -11.50 -23.96 -16.80
C PRO A 96 -10.72 -24.71 -17.86
N GLU A 97 -11.25 -25.83 -18.35
CA GLU A 97 -10.57 -26.64 -19.34
C GLU A 97 -10.55 -25.98 -20.70
N ASP A 98 -11.41 -24.99 -20.93
CA ASP A 98 -11.49 -24.30 -22.19
C ASP A 98 -10.45 -23.17 -22.19
N HIS A 99 -9.45 -23.29 -23.06
CA HIS A 99 -8.41 -22.26 -23.13
C HIS A 99 -9.02 -20.86 -23.28
N ARG A 100 -10.19 -20.76 -23.90
CA ARG A 100 -10.78 -19.45 -24.14
C ARG A 100 -11.27 -18.82 -22.84
N THR A 101 -11.70 -19.65 -21.90
CA THR A 101 -12.07 -19.15 -20.59
C THR A 101 -10.88 -18.45 -19.94
N LEU A 102 -9.72 -19.11 -19.97
CA LEU A 102 -8.52 -18.60 -19.31
C LEU A 102 -8.05 -17.30 -19.94
N SER A 103 -8.03 -17.23 -21.27
CA SER A 103 -7.59 -16.01 -21.93
C SER A 103 -8.60 -14.88 -21.73
N GLN A 104 -9.89 -15.20 -21.76
CA GLN A 104 -10.88 -14.18 -21.49
C GLN A 104 -10.79 -13.69 -20.06
N PHE A 105 -10.46 -14.59 -19.13
CA PHE A 105 -10.35 -14.18 -17.73
C PHE A 105 -9.21 -13.20 -17.55
N THR A 106 -8.05 -13.48 -18.14
CA THR A 106 -6.93 -12.56 -18.04
C THR A 106 -7.28 -11.21 -18.66
N ASP A 107 -7.97 -11.21 -19.81
CA ASP A 107 -8.42 -9.95 -20.39
C ASP A 107 -9.32 -9.20 -19.42
N ALA A 108 -10.20 -9.92 -18.70
CA ALA A 108 -11.12 -9.26 -17.81
C ALA A 108 -10.39 -8.62 -16.62
N LEU A 109 -9.36 -9.30 -16.12
CA LEU A 109 -8.59 -8.75 -15.01
C LEU A 109 -7.82 -7.52 -15.43
N VAL A 110 -7.28 -7.52 -16.64
CA VAL A 110 -6.61 -6.33 -17.17
C VAL A 110 -7.58 -5.16 -17.24
N THR A 111 -8.80 -5.41 -17.73
CA THR A 111 -9.81 -4.37 -17.79
C THR A 111 -10.14 -3.85 -16.39
N ILE A 112 -10.24 -4.75 -15.41
CA ILE A 112 -10.51 -4.31 -14.04
C ILE A 112 -9.38 -3.43 -13.53
N ARG A 113 -8.13 -3.88 -13.72
CA ARG A 113 -7.00 -3.09 -13.23
C ARG A 113 -7.01 -1.69 -13.83
N ASN A 114 -7.22 -1.58 -15.15
CA ASN A 114 -7.27 -0.27 -15.78
C ASN A 114 -8.43 0.56 -15.23
N ARG A 115 -9.61 -0.06 -15.09
CA ARG A 115 -10.75 0.66 -14.56
C ARG A 115 -10.42 1.33 -13.23
N HIS A 116 -9.65 0.66 -12.40
CA HIS A 116 -9.41 1.10 -11.03
C HIS A 116 -8.10 1.86 -10.88
N ASN A 117 -7.46 2.21 -12.00
CA ASN A 117 -6.14 2.81 -11.94
C ASN A 117 -6.11 4.07 -11.10
N ASP A 118 -7.16 4.89 -11.17
CA ASP A 118 -7.20 6.19 -10.49
C ASP A 118 -7.97 6.17 -9.18
N VAL A 119 -8.13 4.99 -8.55
CA VAL A 119 -8.90 4.92 -7.32
C VAL A 119 -8.34 5.82 -6.23
N VAL A 120 -7.02 5.87 -6.05
CA VAL A 120 -6.49 6.61 -4.91
C VAL A 120 -6.84 8.10 -5.00
N PRO A 121 -6.53 8.78 -6.11
CA PRO A 121 -6.91 10.21 -6.14
C PRO A 121 -8.40 10.44 -6.27
N THR A 122 -9.15 9.49 -6.83
CA THR A 122 -10.60 9.68 -6.91
C THR A 122 -11.22 9.63 -5.52
N MET A 123 -10.79 8.69 -4.67
CA MET A 123 -11.26 8.71 -3.28
C MET A 123 -10.83 9.99 -2.56
N ALA A 124 -9.63 10.48 -2.84
CA ALA A 124 -9.19 11.70 -2.19
C ALA A 124 -10.08 12.86 -2.58
N GLN A 125 -10.52 12.90 -3.86
CA GLN A 125 -11.47 13.91 -4.27
C GLN A 125 -12.78 13.76 -3.52
N GLY A 126 -13.20 12.52 -3.25
CA GLY A 126 -14.37 12.32 -2.42
C GLY A 126 -14.23 12.94 -1.04
N VAL A 127 -13.06 12.76 -0.41
CA VAL A 127 -12.82 13.37 0.90
C VAL A 127 -12.92 14.88 0.80
N LEU A 128 -12.36 15.45 -0.26
CA LEU A 128 -12.42 16.89 -0.44
C LEU A 128 -13.84 17.36 -0.65
N GLU A 129 -14.62 16.62 -1.46
CA GLU A 129 -16.03 16.92 -1.64
C GLU A 129 -16.80 16.91 -0.33
N TYR A 130 -16.53 15.91 0.53
CA TYR A 130 -17.19 15.87 1.83
C TYR A 130 -16.87 17.12 2.64
N LYS A 131 -15.59 17.52 2.68
CA LYS A 131 -15.18 18.68 3.46
C LYS A 131 -15.76 19.97 2.89
N ASP A 132 -15.77 20.07 1.57
CA ASP A 132 -16.30 21.28 0.90
C ASP A 132 -17.81 21.39 1.05
N THR A 133 -18.52 20.26 0.96
CA THR A 133 -19.98 20.27 0.95
C THR A 133 -20.54 20.47 2.35
N TYR A 134 -19.96 19.79 3.35
CA TYR A 134 -20.54 19.71 4.68
C TYR A 134 -19.71 20.33 5.77
N GLY A 135 -18.43 20.55 5.53
CA GLY A 135 -17.48 20.79 6.61
C GLY A 135 -17.12 19.47 7.24
N ASP A 136 -15.89 19.34 7.72
CA ASP A 136 -15.51 18.10 8.36
C ASP A 136 -15.86 18.17 9.86
N ASP A 137 -15.98 17.00 10.46
CA ASP A 137 -16.27 16.83 11.87
C ASP A 137 -15.44 15.66 12.37
N PRO A 138 -15.04 15.64 13.64
CA PRO A 138 -14.09 14.62 14.10
C PRO A 138 -14.61 13.20 14.03
N VAL A 139 -15.91 12.99 14.22
CA VAL A 139 -16.45 11.63 14.17
C VAL A 139 -16.32 11.06 12.77
N SER A 140 -16.77 11.82 11.78
CA SER A 140 -16.62 11.39 10.39
C SER A 140 -15.15 11.22 10.05
N ASN A 141 -14.30 12.14 10.54
CA ASN A 141 -12.89 12.07 10.18
C ASN A 141 -12.25 10.79 10.71
N GLN A 142 -12.59 10.40 11.94
CA GLN A 142 -12.05 9.16 12.49
C GLN A 142 -12.53 7.96 11.70
N ASN A 143 -13.81 7.96 11.30
CA ASN A 143 -14.33 6.88 10.45
C ASN A 143 -13.61 6.85 9.12
N ILE A 144 -13.34 8.01 8.53
CA ILE A 144 -12.69 8.07 7.23
C ILE A 144 -11.28 7.51 7.34
N GLN A 145 -10.57 7.89 8.40
CA GLN A 145 -9.20 7.42 8.59
C GLN A 145 -9.17 5.90 8.73
N TYR A 146 -10.04 5.35 9.58
CA TYR A 146 -10.13 3.90 9.76
C TYR A 146 -10.46 3.20 8.44
N PHE A 147 -11.45 3.73 7.73
CA PHE A 147 -11.88 3.12 6.49
C PHE A 147 -10.81 3.19 5.42
N LEU A 148 -10.18 4.35 5.25
CA LEU A 148 -9.27 4.47 4.12
C LEU A 148 -8.04 3.59 4.29
N ASP A 149 -7.53 3.45 5.51
CA ASP A 149 -6.44 2.48 5.70
C ASP A 149 -6.86 1.09 5.20
N ARG A 150 -8.07 0.66 5.55
CA ARG A 150 -8.52 -0.67 5.17
C ARG A 150 -8.83 -0.75 3.68
N PHE A 151 -9.50 0.27 3.16
CA PHE A 151 -9.84 0.31 1.74
C PHE A 151 -8.59 0.26 0.87
N TYR A 152 -7.59 1.08 1.20
CA TYR A 152 -6.39 1.12 0.38
C TYR A 152 -5.54 -0.14 0.55
N LEU A 153 -5.51 -0.75 1.74
CA LEU A 153 -4.83 -2.03 1.89
C LEU A 153 -5.55 -3.13 1.13
N SER A 154 -6.87 -3.15 1.21
CA SER A 154 -7.65 -4.06 0.39
C SER A 154 -7.30 -3.91 -1.08
N ARG A 155 -7.24 -2.68 -1.54
CA ARG A 155 -6.92 -2.42 -2.94
CA ARG A 155 -6.93 -2.43 -2.93
C ARG A 155 -5.53 -2.93 -3.28
N ILE A 156 -4.54 -2.65 -2.44
CA ILE A 156 -3.19 -3.18 -2.67
C ILE A 156 -3.25 -4.70 -2.86
N SER A 157 -4.04 -5.38 -2.05
CA SER A 157 -4.11 -6.84 -2.10
C SER A 157 -4.77 -7.32 -3.37
N ILE A 158 -5.78 -6.61 -3.86
CA ILE A 158 -6.46 -7.00 -5.09
C ILE A 158 -5.52 -6.81 -6.28
N ARG A 159 -4.76 -5.70 -6.28
CA ARG A 159 -3.79 -5.43 -7.34
C ARG A 159 -2.70 -6.49 -7.34
N MET A 160 -2.29 -6.92 -6.15
CA MET A 160 -1.28 -7.98 -6.06
C MET A 160 -1.78 -9.25 -6.72
N LEU A 161 -3.01 -9.66 -6.41
CA LEU A 161 -3.54 -10.89 -6.99
C LEU A 161 -3.63 -10.79 -8.50
N ILE A 162 -4.15 -9.66 -9.00
CA ILE A 162 -4.29 -9.47 -10.44
C ILE A 162 -2.93 -9.41 -11.12
N ASN A 163 -1.98 -8.67 -10.55
CA ASN A 163 -0.67 -8.56 -11.18
C ASN A 163 0.01 -9.91 -11.25
N GLN A 164 -0.10 -10.71 -10.17
CA GLN A 164 0.54 -12.02 -10.18
C GLN A 164 -0.02 -12.88 -11.28
N HIS A 165 -1.35 -12.87 -11.43
CA HIS A 165 -1.95 -13.70 -12.48
C HIS A 165 -1.55 -13.20 -13.87
N THR A 166 -1.67 -11.89 -14.12
CA THR A 166 -1.41 -11.40 -15.48
C THR A 166 0.08 -11.49 -15.83
N LEU A 167 0.97 -11.26 -14.86
CA LEU A 167 2.40 -11.34 -15.17
C LEU A 167 2.84 -12.76 -15.40
N ILE A 168 2.33 -13.70 -14.60
CA ILE A 168 2.77 -15.09 -14.71
C ILE A 168 2.21 -15.71 -15.98
N PHE A 169 0.93 -15.46 -16.25
CA PHE A 169 0.25 -16.07 -17.39
C PHE A 169 0.05 -15.01 -18.46
N HIS A 180 12.14 -13.33 -11.70
CA HIS A 180 10.98 -12.88 -10.91
C HIS A 180 9.78 -13.78 -11.13
N ILE A 181 8.97 -13.96 -10.07
CA ILE A 181 7.72 -14.71 -10.13
C ILE A 181 6.61 -13.67 -10.09
N GLY A 182 6.06 -13.33 -11.24
CA GLY A 182 5.17 -12.19 -11.32
C GLY A 182 5.93 -10.94 -10.94
N SER A 183 5.46 -10.25 -9.90
CA SER A 183 6.10 -9.03 -9.41
C SER A 183 7.07 -9.30 -8.26
N ILE A 184 7.30 -10.55 -7.90
CA ILE A 184 8.11 -10.90 -6.73
C ILE A 184 9.51 -11.22 -7.18
N ASP A 185 10.51 -10.60 -6.51
CA ASP A 185 11.92 -10.94 -6.72
C ASP A 185 12.36 -11.84 -5.58
N PRO A 186 12.70 -13.11 -5.84
CA PRO A 186 13.15 -13.97 -4.74
C PRO A 186 14.51 -13.61 -4.18
N ASN A 187 15.25 -12.72 -4.84
CA ASN A 187 16.58 -12.32 -4.41
CA ASN A 187 16.58 -12.32 -4.39
C ASN A 187 16.72 -10.81 -4.54
N CYS A 188 15.80 -10.08 -3.91
CA CYS A 188 15.82 -8.63 -3.96
C CYS A 188 16.98 -8.09 -3.12
N ASN A 189 17.90 -7.37 -3.77
CA ASN A 189 19.02 -6.72 -3.10
C ASN A 189 18.55 -5.39 -2.57
N VAL A 190 18.38 -5.30 -1.25
CA VAL A 190 17.71 -4.14 -0.65
C VAL A 190 18.48 -2.86 -0.94
N SER A 191 19.82 -2.90 -0.82
CA SER A 191 20.60 -1.68 -1.04
C SER A 191 20.49 -1.19 -2.47
N GLU A 192 20.34 -2.10 -3.44
CA GLU A 192 20.14 -1.66 -4.82
C GLU A 192 18.83 -0.90 -4.96
N VAL A 193 17.77 -1.34 -4.26
CA VAL A 193 16.49 -0.62 -4.33
C VAL A 193 16.62 0.73 -3.63
N VAL A 194 17.32 0.77 -2.49
CA VAL A 194 17.58 2.04 -1.84
C VAL A 194 18.24 3.02 -2.81
N LYS A 195 19.28 2.55 -3.53
CA LYS A 195 20.00 3.43 -4.44
C LYS A 195 19.11 3.90 -5.59
N ASP A 196 18.25 3.01 -6.11
CA ASP A 196 17.34 3.40 -7.19
C ASP A 196 16.39 4.50 -6.73
N ALA A 197 15.82 4.33 -5.54
CA ALA A 197 14.91 5.34 -5.00
C ALA A 197 15.63 6.65 -4.72
N TYR A 198 16.86 6.57 -4.20
CA TYR A 198 17.66 7.77 -3.97
C TYR A 198 17.89 8.51 -5.29
N ASP A 199 18.29 7.76 -6.32
CA ASP A 199 18.62 8.37 -7.61
C ASP A 199 17.42 9.15 -8.16
N MET A 200 16.25 8.57 -8.09
CA MET A 200 15.05 9.22 -8.62
C MET A 200 14.65 10.42 -7.78
N ALA A 201 14.75 10.29 -6.46
CA ALA A 201 14.45 11.43 -5.60
C ALA A 201 15.46 12.56 -5.82
N LYS A 202 16.73 12.21 -6.03
CA LYS A 202 17.77 13.21 -6.28
C LYS A 202 17.48 14.00 -7.55
N LEU A 203 16.99 13.34 -8.59
CA LEU A 203 16.62 14.06 -9.82
C LEU A 203 15.61 15.16 -9.52
N LEU A 204 14.62 14.87 -8.68
CA LEU A 204 13.58 15.84 -8.35
C LEU A 204 14.14 16.95 -7.46
N CYS A 205 14.93 16.57 -6.46
CA CYS A 205 15.48 17.57 -5.56
C CYS A 205 16.40 18.52 -6.31
N ASP A 206 17.28 17.96 -7.13
CA ASP A 206 18.16 18.80 -7.94
C ASP A 206 17.38 19.74 -8.85
N LYS A 207 16.27 19.26 -9.42
CA LYS A 207 15.49 20.13 -10.30
C LYS A 207 15.01 21.38 -9.57
N TYR A 208 14.46 21.22 -8.35
CA TYR A 208 13.85 22.34 -7.68
C TYR A 208 14.80 23.15 -6.83
N TYR A 209 15.85 22.55 -6.28
CA TYR A 209 16.73 23.22 -5.35
C TYR A 209 18.15 23.37 -5.85
N MET A 210 18.49 22.74 -6.99
CA MET A 210 19.83 22.78 -7.59
C MET A 210 20.89 22.15 -6.70
N ALA A 211 20.46 21.26 -5.80
CA ALA A 211 21.36 20.59 -4.88
C ALA A 211 20.55 19.53 -4.18
N SER A 212 21.25 18.55 -3.65
CA SER A 212 20.60 17.48 -2.90
C SER A 212 21.62 16.86 -1.96
N PRO A 213 21.18 16.28 -0.86
CA PRO A 213 22.11 15.59 0.02
C PRO A 213 22.64 14.33 -0.62
N ASP A 214 23.86 13.96 -0.22
CA ASP A 214 24.44 12.69 -0.59
C ASP A 214 23.79 11.56 0.18
N LEU A 215 24.02 10.34 -0.29
CA LEU A 215 23.55 9.11 0.33
C LEU A 215 24.73 8.37 0.98
N GLU A 216 24.52 7.86 2.18
CA GLU A 216 25.43 6.90 2.79
C GLU A 216 24.62 5.71 3.22
N ILE A 217 25.04 4.52 2.79
CA ILE A 217 24.41 3.27 3.19
C ILE A 217 25.37 2.44 4.03
N GLN A 218 24.84 1.90 5.12
CA GLN A 218 25.52 0.92 5.94
C GLN A 218 24.62 -0.30 6.08
N GLU A 219 25.19 -1.49 5.92
CA GLU A 219 24.48 -2.74 6.15
C GLU A 219 25.00 -3.42 7.41
N ILE A 220 24.06 -4.00 8.17
CA ILE A 220 24.35 -4.79 9.35
C ILE A 220 23.67 -6.13 9.12
N ASN A 221 24.43 -7.13 8.69
CA ASN A 221 23.91 -8.48 8.51
C ASN A 221 24.34 -9.27 9.74
N ALA A 222 23.45 -9.37 10.73
CA ALA A 222 23.90 -9.76 12.06
C ALA A 222 24.49 -11.16 12.07
N ALA A 223 23.85 -12.11 11.37
CA ALA A 223 24.32 -13.49 11.43
C ALA A 223 25.46 -13.77 10.45
N ASN A 224 25.59 -12.95 9.39
CA ASN A 224 26.58 -13.16 8.33
C ASN A 224 27.19 -11.82 7.93
N SER A 225 28.10 -11.32 8.78
CA SER A 225 28.78 -10.05 8.54
C SER A 225 29.38 -9.95 7.14
N GLN A 227 27.94 -10.55 4.10
CA GLN A 227 27.08 -10.95 3.00
C GLN A 227 26.08 -9.84 2.70
N PRO A 228 25.96 -9.45 1.44
CA PRO A 228 24.94 -8.47 1.07
C PRO A 228 23.56 -8.93 1.47
N ILE A 229 22.73 -7.97 1.86
CA ILE A 229 21.41 -8.30 2.40
C ILE A 229 20.40 -8.41 1.26
N HIS A 230 19.76 -9.57 1.17
CA HIS A 230 18.72 -9.86 0.19
C HIS A 230 17.48 -10.40 0.90
N MET A 231 16.36 -10.34 0.19
CA MET A 231 15.09 -10.86 0.69
C MET A 231 14.17 -11.20 -0.49
N VAL A 232 13.10 -11.91 -0.17
CA VAL A 232 11.98 -12.12 -1.09
C VAL A 232 11.02 -10.97 -0.88
N TYR A 233 10.79 -10.17 -1.92
CA TYR A 233 9.89 -9.03 -1.80
C TYR A 233 9.45 -8.58 -3.19
N VAL A 234 8.46 -7.69 -3.21
CA VAL A 234 8.00 -7.03 -4.42
C VAL A 234 8.81 -5.74 -4.54
N PRO A 235 9.84 -5.67 -5.42
CA PRO A 235 10.71 -4.48 -5.40
C PRO A 235 9.96 -3.18 -5.62
N SER A 236 8.91 -3.18 -6.44
CA SER A 236 8.18 -1.92 -6.68
C SER A 236 7.58 -1.37 -5.39
N HIS A 237 7.13 -2.23 -4.48
CA HIS A 237 6.57 -1.75 -3.21
C HIS A 237 7.66 -1.13 -2.36
N LEU A 238 8.81 -1.81 -2.26
CA LEU A 238 9.92 -1.29 -1.49
C LEU A 238 10.42 0.03 -2.07
N TYR A 239 10.54 0.09 -3.39
CA TYR A 239 10.90 1.33 -4.06
C TYR A 239 9.93 2.44 -3.72
N HIS A 240 8.62 2.15 -3.78
CA HIS A 240 7.61 3.17 -3.50
C HIS A 240 7.83 3.78 -2.12
N MET A 241 8.04 2.94 -1.11
CA MET A 241 8.21 3.42 0.25
C MET A 241 9.47 4.28 0.35
N LEU A 242 10.58 3.77 -0.18
CA LEU A 242 11.85 4.47 -0.04
C LEU A 242 11.86 5.79 -0.82
N PHE A 243 11.22 5.81 -2.00
CA PHE A 243 11.15 7.06 -2.77
C PHE A 243 10.41 8.13 -2.00
N GLU A 244 9.26 7.79 -1.41
CA GLU A 244 8.53 8.76 -0.60
C GLU A 244 9.37 9.24 0.58
N LEU A 245 10.05 8.32 1.27
CA LEU A 245 10.87 8.74 2.40
C LEU A 245 12.03 9.64 1.97
N PHE A 246 12.69 9.31 0.84
CA PHE A 246 13.78 10.17 0.36
C PHE A 246 13.27 11.57 -0.01
N LYS A 247 12.11 11.67 -0.65
CA LYS A 247 11.60 12.99 -1.00
C LYS A 247 11.44 13.86 0.24
N ASN A 248 10.85 13.30 1.29
CA ASN A 248 10.67 14.06 2.52
C ASN A 248 12.01 14.41 3.17
N ALA A 249 12.91 13.43 3.28
CA ALA A 249 14.20 13.67 3.91
C ALA A 249 15.03 14.70 3.14
N MET A 250 15.00 14.64 1.80
CA MET A 250 15.75 15.61 1.00
C MET A 250 15.17 17.00 1.12
N ARG A 251 13.85 17.13 1.03
CA ARG A 251 13.22 18.44 1.17
C ARG A 251 13.54 19.04 2.53
N ALA A 252 13.42 18.23 3.60
CA ALA A 252 13.76 18.74 4.92
C ALA A 252 15.20 19.23 4.98
N THR A 253 16.12 18.46 4.44
CA THR A 253 17.53 18.78 4.54
C THR A 253 17.84 20.07 3.79
N VAL A 254 17.35 20.20 2.56
CA VAL A 254 17.67 21.40 1.78
C VAL A 254 17.00 22.63 2.39
N GLU A 255 15.72 22.53 2.75
CA GLU A 255 15.01 23.70 3.24
C GLU A 255 15.48 24.14 4.63
N SER A 256 16.05 23.23 5.41
CA SER A 256 16.59 23.62 6.70
C SER A 256 18.01 24.13 6.62
N HIS A 257 18.61 24.16 5.41
CA HIS A 257 20.01 24.56 5.24
C HIS A 257 20.13 25.63 4.16
N GLU A 258 19.21 26.60 4.15
CA GLU A 258 19.18 27.55 3.05
C GLU A 258 20.43 28.40 3.01
N SER A 259 21.11 28.61 4.14
CA SER A 259 22.33 29.39 4.18
C SER A 259 23.61 28.57 4.09
N SER A 260 23.51 27.27 3.79
CA SER A 260 24.69 26.41 3.75
C SER A 260 24.86 25.84 2.35
N LEU A 261 26.12 25.74 1.93
CA LEU A 261 26.45 25.01 0.72
C LEU A 261 26.72 23.55 1.02
N ILE A 262 27.04 23.21 2.27
CA ILE A 262 27.34 21.84 2.66
C ILE A 262 26.04 21.28 3.24
N LEU A 263 25.56 20.20 2.65
CA LEU A 263 24.34 19.58 3.12
C LEU A 263 24.69 18.31 3.87
N PRO A 264 24.10 18.06 5.03
CA PRO A 264 24.33 16.77 5.67
C PRO A 264 23.75 15.67 4.81
N PRO A 265 24.40 14.52 4.74
CA PRO A 265 23.89 13.41 3.94
C PRO A 265 22.66 12.81 4.56
N ILE A 266 21.97 12.04 3.75
CA ILE A 266 20.95 11.13 4.26
C ILE A 266 21.62 9.78 4.51
N LYS A 267 21.49 9.28 5.72
CA LYS A 267 22.12 8.03 6.12
C LYS A 267 21.08 6.92 6.21
N VAL A 268 21.33 5.83 5.50
CA VAL A 268 20.44 4.67 5.52
C VAL A 268 21.18 3.49 6.13
N MET A 269 20.56 2.84 7.10
CA MET A 269 21.05 1.58 7.63
CA MET A 269 21.05 1.58 7.63
C MET A 269 20.09 0.48 7.23
N VAL A 270 20.64 -0.61 6.69
CA VAL A 270 19.87 -1.80 6.38
C VAL A 270 20.35 -2.87 7.36
N ALA A 271 19.47 -3.33 8.23
CA ALA A 271 19.81 -4.34 9.23
C ALA A 271 19.02 -5.62 8.97
N LEU A 272 19.72 -6.75 9.02
CA LEU A 272 19.08 -8.05 8.89
C LEU A 272 19.25 -8.80 10.20
N GLY A 273 18.12 -9.03 10.88
CA GLY A 273 18.07 -9.83 12.07
C GLY A 273 17.44 -11.19 11.83
N GLU A 274 17.11 -11.86 12.94
CA GLU A 274 16.55 -13.20 12.83
C GLU A 274 15.14 -13.17 12.27
N GLU A 275 14.40 -12.11 12.56
CA GLU A 275 13.00 -11.99 12.18
C GLU A 275 12.72 -10.75 11.35
N ASP A 276 13.45 -9.66 11.58
CA ASP A 276 13.19 -8.38 10.92
C ASP A 276 14.28 -8.03 9.92
N LEU A 277 13.87 -7.40 8.82
CA LEU A 277 14.79 -6.69 7.96
C LEU A 277 14.33 -5.25 8.08
N SER A 278 15.17 -4.43 8.69
CA SER A 278 14.84 -3.06 9.07
C SER A 278 15.67 -2.09 8.25
N ILE A 279 15.03 -1.03 7.74
CA ILE A 279 15.68 0.00 6.94
C ILE A 279 15.42 1.34 7.59
N LYS A 280 16.45 1.97 8.12
CA LYS A 280 16.34 3.27 8.76
C LYS A 280 16.90 4.33 7.84
N MET A 281 16.14 5.40 7.63
CA MET A 281 16.57 6.58 6.91
C MET A 281 16.66 7.75 7.88
N SER A 282 17.86 8.29 8.05
CA SER A 282 18.14 9.35 9.01
C SER A 282 18.50 10.64 8.30
N ASP A 283 17.82 11.72 8.65
CA ASP A 283 18.16 13.03 8.11
C ASP A 283 18.41 14.02 9.24
N ARG A 284 19.10 15.11 8.87
CA ARG A 284 19.34 16.24 9.76
C ARG A 284 18.60 17.45 9.22
N GLY A 285 17.33 17.27 8.87
CA GLY A 285 16.47 18.28 8.31
C GLY A 285 15.71 19.14 9.29
N GLY A 286 16.08 19.11 10.56
CA GLY A 286 15.49 19.96 11.56
C GLY A 286 14.27 19.38 12.27
N GLY A 287 13.68 18.34 11.73
CA GLY A 287 12.62 17.62 12.41
C GLY A 287 11.29 18.37 12.46
N VAL A 288 10.41 17.82 13.28
CA VAL A 288 9.03 18.28 13.41
C VAL A 288 8.61 17.97 14.84
N PRO A 289 7.82 18.80 15.50
CA PRO A 289 7.35 18.46 16.84
C PRO A 289 6.46 17.23 16.86
N LEU A 290 6.53 16.52 17.97
CA LEU A 290 5.79 15.27 18.12
C LEU A 290 4.31 15.46 17.81
N ARG A 291 3.75 16.59 18.24
CA ARG A 291 2.34 16.90 18.03
C ARG A 291 1.93 16.74 16.58
N LYS A 292 2.85 16.98 15.66
CA LYS A 292 2.55 17.00 14.23
C LYS A 292 2.84 15.68 13.53
N ILE A 293 3.33 14.67 14.24
CA ILE A 293 3.71 13.41 13.58
C ILE A 293 2.47 12.70 13.04
N GLU A 294 1.40 12.63 13.86
CA GLU A 294 0.20 11.89 13.46
C GLU A 294 -0.38 12.44 12.17
N ARG A 295 -0.39 13.77 12.02
CA ARG A 295 -0.90 14.40 10.82
C ARG A 295 -0.26 13.85 9.56
N LEU A 296 1.00 13.40 9.65
CA LEU A 296 1.69 12.96 8.47
C LEU A 296 1.06 11.71 7.89
N PHE A 297 0.33 10.94 8.70
CA PHE A 297 -0.35 9.76 8.22
C PHE A 297 -1.84 9.96 8.06
N SER A 298 -2.29 11.21 8.18
CA SER A 298 -3.72 11.54 8.11
C SER A 298 -4.15 11.81 6.69
N TYR A 299 -5.29 11.25 6.32
CA TYR A 299 -5.82 11.52 5.00
C TYR A 299 -6.48 12.90 4.95
N MET A 300 -6.95 13.38 6.09
CA MET A 300 -7.65 14.66 6.13
C MET A 300 -6.63 15.79 6.10
N GLY A 320 -1.50 14.39 -1.37
CA GLY A 320 -0.29 13.86 -0.79
C GLY A 320 -0.54 12.72 0.19
N TYR A 321 -0.97 11.57 -0.34
CA TYR A 321 -1.14 10.36 0.47
C TYR A 321 0.11 9.51 0.48
N GLY A 322 1.25 10.08 0.10
CA GLY A 322 2.47 9.31 -0.05
C GLY A 322 2.84 8.56 1.22
N LEU A 323 2.84 9.25 2.37
CA LEU A 323 3.27 8.57 3.59
C LEU A 323 2.25 7.54 4.07
N PRO A 324 0.95 7.85 4.19
CA PRO A 324 0.05 6.78 4.62
C PRO A 324 0.02 5.57 3.69
N ILE A 325 0.04 5.76 2.37
CA ILE A 325 0.06 4.61 1.47
C ILE A 325 1.37 3.83 1.60
N SER A 326 2.51 4.54 1.76
CA SER A 326 3.77 3.82 1.98
C SER A 326 3.70 2.93 3.21
N ARG A 327 3.11 3.43 4.29
CA ARG A 327 2.97 2.62 5.50
C ARG A 327 2.06 1.43 5.26
N LEU A 328 1.00 1.60 4.46
CA LEU A 328 0.18 0.43 4.11
C LEU A 328 0.96 -0.62 3.33
N TYR A 329 1.83 -0.21 2.39
CA TYR A 329 2.66 -1.19 1.70
C TYR A 329 3.49 -1.97 2.71
N ALA A 330 4.05 -1.28 3.70
CA ALA A 330 4.84 -2.00 4.70
C ALA A 330 3.99 -2.96 5.51
N LYS A 331 2.79 -2.53 5.89
CA LYS A 331 1.90 -3.36 6.69
C LYS A 331 1.37 -4.55 5.91
N TYR A 332 1.31 -4.43 4.58
CA TYR A 332 0.66 -5.45 3.74
C TYR A 332 1.29 -6.83 3.94
N PHE A 333 2.61 -6.92 4.11
CA PHE A 333 3.24 -8.21 4.42
C PHE A 333 3.77 -8.27 5.86
N GLN A 334 2.99 -7.72 6.80
CA GLN A 334 3.21 -7.81 8.25
C GLN A 334 4.37 -6.95 8.73
N GLY A 335 4.70 -5.90 7.98
CA GLY A 335 5.71 -4.94 8.36
C GLY A 335 5.08 -3.67 8.92
N ASP A 336 5.86 -2.60 8.94
CA ASP A 336 5.38 -1.30 9.41
C ASP A 336 6.33 -0.22 8.91
N LEU A 337 5.88 1.02 9.02
CA LEU A 337 6.71 2.18 8.70
C LEU A 337 6.46 3.19 9.79
N GLN A 338 7.53 3.56 10.50
CA GLN A 338 7.42 4.42 11.67
C GLN A 338 8.35 5.61 11.54
N LEU A 339 7.91 6.74 12.09
CA LEU A 339 8.64 8.00 12.06
C LEU A 339 8.90 8.45 13.48
N PHE A 340 10.12 8.93 13.69
N PHE A 340 10.14 8.86 13.75
CA PHE A 340 10.57 9.43 14.98
CA PHE A 340 10.43 9.49 15.03
C PHE A 340 11.44 10.65 14.71
C PHE A 340 11.44 10.61 14.84
N SER A 341 11.00 11.80 15.20
CA SER A 341 11.74 13.02 14.98
C SER A 341 12.34 13.53 16.28
N MET A 342 13.33 14.40 16.13
CA MET A 342 13.90 15.19 17.22
CA MET A 342 13.84 15.20 17.23
C MET A 342 13.80 16.64 16.75
N GLU A 343 12.81 17.38 17.23
CA GLU A 343 12.61 18.74 16.76
C GLU A 343 13.86 19.55 17.04
N GLY A 344 14.36 20.24 16.00
CA GLY A 344 15.60 20.97 16.11
C GLY A 344 16.79 20.26 15.52
N PHE A 345 16.66 18.95 15.24
CA PHE A 345 17.76 18.15 14.72
C PHE A 345 17.39 17.45 13.43
N GLY A 346 16.40 16.55 13.42
CA GLY A 346 16.16 15.73 12.25
C GLY A 346 15.22 14.60 12.58
N THR A 347 15.07 13.72 11.61
CA THR A 347 14.08 12.65 11.67
C THR A 347 14.65 11.33 11.22
N ASP A 348 14.25 10.27 11.93
CA ASP A 348 14.49 8.90 11.52
C ASP A 348 13.18 8.32 11.03
N ALA A 349 13.22 7.65 9.89
CA ALA A 349 12.12 6.84 9.41
C ALA A 349 12.58 5.41 9.32
N VAL A 350 11.77 4.47 9.80
CA VAL A 350 12.16 3.06 9.75
C VAL A 350 11.09 2.26 9.02
N ILE A 351 11.51 1.53 7.99
CA ILE A 351 10.69 0.50 7.36
C ILE A 351 11.04 -0.82 8.03
N TYR A 352 10.04 -1.44 8.65
CA TYR A 352 10.16 -2.78 9.24
C TYR A 352 9.54 -3.78 8.28
N LEU A 353 10.35 -4.73 7.82
CA LEU A 353 9.88 -5.82 6.97
C LEU A 353 10.14 -7.14 7.67
N LYS A 354 9.35 -8.16 7.33
CA LYS A 354 9.68 -9.51 7.77
C LYS A 354 10.85 -10.04 6.94
N ALA A 355 11.83 -10.62 7.63
CA ALA A 355 12.98 -11.15 6.93
C ALA A 355 12.66 -12.43 6.17
N LEU A 356 11.72 -13.22 6.65
CA LEU A 356 11.43 -14.54 6.10
C LEU A 356 10.15 -14.55 5.29
N SER A 357 10.19 -15.22 4.13
CA SER A 357 9.02 -15.27 3.27
C SER A 357 7.85 -15.98 3.92
N THR A 358 8.11 -16.90 4.86
CA THR A 358 7.04 -17.59 5.54
C THR A 358 6.33 -16.71 6.57
N ASP A 359 7.00 -15.67 7.07
CA ASP A 359 6.36 -14.71 7.96
C ASP A 359 5.68 -13.58 7.19
N SER A 360 5.93 -13.48 5.88
CA SER A 360 5.40 -12.40 5.04
C SER A 360 4.04 -12.80 4.50
N VAL A 361 3.03 -12.58 5.32
CA VAL A 361 1.65 -12.98 5.02
C VAL A 361 0.81 -11.75 4.76
N GLU A 362 -0.05 -11.80 3.74
CA GLU A 362 -0.96 -10.69 3.51
C GLU A 362 -1.72 -10.31 4.77
N ARG A 363 -1.81 -9.00 4.99
CA ARG A 363 -2.60 -8.39 6.04
C ARG A 363 -3.85 -7.83 5.38
N LEU A 364 -4.99 -8.49 5.58
CA LEU A 364 -6.23 -8.19 4.86
C LEU A 364 -7.35 -7.79 5.82
N PRO A 365 -8.04 -6.69 5.56
CA PRO A 365 -9.23 -6.36 6.35
C PRO A 365 -10.35 -7.32 6.02
N VAL A 366 -11.21 -7.56 7.00
CA VAL A 366 -12.33 -8.47 6.84
C VAL A 366 -13.57 -7.79 7.37
N TYR A 367 -14.68 -7.93 6.62
CA TYR A 367 -15.97 -7.38 7.03
C TYR A 367 -16.64 -8.37 8.00
N ASN A 368 -16.75 -7.98 9.25
CA ASN A 368 -17.37 -8.82 10.26
C ASN A 368 -17.84 -7.91 11.39
N LYS A 369 -18.32 -8.54 12.45
CA LYS A 369 -18.87 -7.79 13.56
C LYS A 369 -17.86 -6.81 14.14
N SER A 370 -16.61 -7.25 14.29
CA SER A 370 -15.59 -6.38 14.85
C SER A 370 -15.41 -5.13 13.98
N ALA A 371 -15.35 -5.34 12.67
CA ALA A 371 -15.23 -4.20 11.75
C ALA A 371 -16.49 -3.33 11.81
N TRP A 372 -17.65 -3.95 11.72
CA TRP A 372 -18.89 -3.18 11.78
C TRP A 372 -18.94 -2.35 13.05
N ARG A 373 -18.61 -2.97 14.19
CA ARG A 373 -18.67 -2.26 15.46
C ARG A 373 -17.72 -1.08 15.47
N HIS A 374 -16.53 -1.24 14.89
CA HIS A 374 -15.53 -0.20 14.98
C HIS A 374 -16.05 1.12 14.40
N TYR A 375 -16.86 1.05 13.34
CA TYR A 375 -17.53 2.26 12.85
C TYR A 375 -18.50 2.76 13.91
N ASP A 383 -12.16 10.28 27.23
CA ASP A 383 -11.84 9.68 28.53
C ASP A 383 -10.63 10.35 29.24
N TRP A 384 -10.13 11.45 28.70
CA TRP A 384 -9.06 12.19 29.32
C TRP A 384 -9.50 13.63 29.52
N CYS A 385 -8.92 14.27 30.53
CA CYS A 385 -9.33 15.62 30.89
C CYS A 385 -8.82 16.63 29.89
O1 TLA B . 20.27 27.84 6.86
O11 TLA B . 19.25 29.76 6.61
C1 TLA B . 19.31 28.61 7.12
C2 TLA B . 18.24 28.12 8.01
O2 TLA B . 18.55 27.03 8.77
C3 TLA B . 16.97 27.94 7.29
O3 TLA B . 17.13 27.06 6.23
C4 TLA B . 15.85 27.60 8.20
O4 TLA B . 15.51 28.39 9.13
O41 TLA B . 15.27 26.50 8.05
H2 TLA B . 18.06 28.85 8.64
HA TLA B . 19.42 27.04 8.97
H3 TLA B . 16.74 28.80 6.88
C26 P35 C . 8.94 13.63 7.60
C21 P35 C . 9.97 19.14 4.68
C10 P35 C . 10.59 19.27 7.00
C11 P35 C . 10.82 20.62 6.90
C12 P35 C . 10.62 21.26 5.69
C14 P35 C . 11.10 23.53 6.68
C15 P35 C . 10.65 24.95 6.35
C19 P35 C . 12.56 23.52 7.06
C20 P35 C . 10.21 20.50 4.60
C18 P35 C . 12.89 24.49 8.18
O01 P35 C . 10.30 10.69 5.93
C02 P35 C . 10.24 11.90 6.58
C03 P35 C . 11.38 12.62 6.86
C04 P35 C . 11.30 13.85 7.51
O05 P35 C . 12.42 14.58 7.80
C06 P35 C . 10.04 14.43 7.90
S07 P35 C . 9.93 15.89 8.70
N08 P35 C . 10.51 17.03 7.69
C09 P35 C . 10.74 18.37 8.18
N13 P35 C . 10.84 22.65 5.57
C16 P35 C . 10.99 25.92 7.46
N17 P35 C . 12.41 25.89 7.88
C22 P35 C . 10.16 18.49 5.90
C23 P35 C . 10.00 17.10 6.33
O24 P35 C . 8.51 16.14 8.97
O25 P35 C . 10.79 15.97 9.86
C27 P35 C . 9.00 12.44 6.95
H261 P35 C . 8.09 13.94 7.83
H211 P35 C . 9.68 18.69 3.92
H111 P35 C . 11.10 21.14 7.62
H141 P35 C . 10.58 23.23 7.44
H151 P35 C . 11.04 25.25 5.51
H152 P35 C . 9.69 25.00 6.19
H192 P35 C . 13.11 23.69 6.28
H191 P35 C . 12.83 22.63 7.35
H201 P35 C . 10.07 20.94 3.79
H181 P35 C . 13.85 24.51 8.33
H182 P35 C . 12.53 24.20 9.03
H011 P35 C . 10.49 10.07 6.48
H031 P35 C . 12.21 12.28 6.61
H051 P35 C . 13.12 14.10 7.81
H091 P35 C . 11.61 18.43 8.61
H092 P35 C . 10.06 18.60 8.82
H131 P35 C . 10.83 23.04 4.80
H161 P35 C . 10.78 26.84 7.19
H162 P35 C . 10.43 25.79 8.24
H171 P35 C . 12.55 26.41 8.59
H231 P35 C . 10.47 16.48 5.74
H232 P35 C . 9.07 16.82 6.30
H271 P35 C . 8.26 11.92 6.75
#